data_2W62
#
_entry.id   2W62
#
_cell.length_a   50.039
_cell.length_b   70.841
_cell.length_c   149.149
_cell.angle_alpha   90.00
_cell.angle_beta   90.00
_cell.angle_gamma   90.00
#
_symmetry.space_group_name_H-M   'P 21 21 21'
#
loop_
_entity.id
_entity.type
_entity.pdbx_description
1 polymer 'GLYCOLIPID-ANCHORED SURFACE PROTEIN 2'
2 branched beta-D-glucopyranose-(1-3)-beta-D-glucopyranose-(1-3)-beta-D-glucopyranose-(1-3)-beta-D-glucopyranose-(1-3)-beta-D-glucopyranose
3 non-polymer 1,4-BUTANEDIOL
4 water water
#
_entity_poly.entity_id   1
_entity_poly.type   'polypeptide(L)'
_entity_poly.pdbx_seq_one_letter_code
;MNKKQNFYAAIIVAIFLCLQLSHGSSGVSFEKTPAIKIVGNKFFDSESGEQFFIKGIAYQLQRSEEELSNANGAFETSYI
DALADPKICLRDIPFLKMLGVNTLRVYAIDPTKSHDICMEALSAEGMYVLLDLSEPDISINRENPSWDVHIFERYKSVID
AMSSFPNLLGYFAGNEVTNDHTNTFASPFVKAAIRDAKEYISHSNHRKIPVGYSTNDDAMTRDNLARYFVCGDVKADFYG
INMYEWCGYSTYGTSGYRERTKEFEGYPIPVFFSEFGCNLVRPRPFTEVSALYGNKMSSVWSGGLAYMYFEEENEYGVVK
INDNDGVDILPDFKNLKKEFAKADPKGITEEEYLTAKEPTEVESVECPHIAVGVWEANEKLPETPDRSKCACLDEILPCE
IVPFGAESGKYEEYFSYLCSKVDCSDILANGKTGEYGEFSDCSVEQKLSLQLSKLYCKIGANDRHCPLNDKNVYFNLESL
QPLTSESICKNVFDSIRNITYNHGDYSKSNPSRSKESLNVKYPSSEERENDGTIAFKTSGFVILLISMIAAGILL
;
_entity_poly.pdbx_strand_id   A
#
# COMPACT_ATOMS: atom_id res chain seq x y z
N SER A 29 -4.53 -9.14 26.17
CA SER A 29 -5.34 -7.90 26.34
C SER A 29 -4.97 -6.77 25.38
N PHE A 30 -6.01 -6.15 24.81
CA PHE A 30 -5.86 -5.00 23.91
C PHE A 30 -6.50 -3.71 24.47
N GLU A 31 -6.73 -3.65 25.78
CA GLU A 31 -7.45 -2.57 26.48
CA GLU A 31 -7.47 -2.54 26.42
C GLU A 31 -6.87 -1.18 26.13
N LYS A 32 -5.54 -1.11 26.07
CA LYS A 32 -4.85 0.16 25.86
C LYS A 32 -4.98 0.66 24.41
N THR A 33 -5.46 -0.21 23.52
CA THR A 33 -5.67 0.19 22.12
C THR A 33 -7.09 -0.20 21.64
N PRO A 34 -8.11 0.62 21.99
CA PRO A 34 -9.41 0.35 21.39
C PRO A 34 -9.35 0.61 19.91
N ALA A 35 -10.15 -0.13 19.15
CA ALA A 35 -10.18 0.04 17.69
C ALA A 35 -10.50 1.49 17.32
N ILE A 36 -9.79 1.98 16.31
CA ILE A 36 -10.02 3.32 15.76
C ILE A 36 -11.00 3.17 14.60
N LYS A 37 -12.00 4.05 14.55
CA LYS A 37 -12.95 4.04 13.46
C LYS A 37 -12.94 5.39 12.73
N ILE A 38 -13.50 5.42 11.53
CA ILE A 38 -13.57 6.64 10.74
C ILE A 38 -14.99 7.19 10.74
N VAL A 39 -15.11 8.48 11.00
CA VAL A 39 -16.38 9.19 10.81
C VAL A 39 -16.06 10.43 9.99
N GLY A 40 -16.71 10.55 8.84
CA GLY A 40 -16.38 11.62 7.88
C GLY A 40 -14.90 11.68 7.55
N ASN A 41 -14.27 12.84 7.80
CA ASN A 41 -12.85 13.00 7.50
C ASN A 41 -11.93 12.99 8.71
N LYS A 42 -12.37 12.32 9.77
CA LYS A 42 -11.57 12.19 11.00
C LYS A 42 -11.55 10.73 11.53
N PHE A 43 -10.49 10.40 12.28
CA PHE A 43 -10.43 9.13 13.03
C PHE A 43 -10.90 9.36 14.47
N PHE A 44 -11.60 8.39 15.04
CA PHE A 44 -12.06 8.45 16.43
C PHE A 44 -11.81 7.15 17.18
N ASP A 45 -11.43 7.28 18.45
CA ASP A 45 -11.37 6.16 19.38
C ASP A 45 -12.78 5.62 19.56
N SER A 46 -12.99 4.35 19.18
CA SER A 46 -14.36 3.78 19.19
C SER A 46 -14.98 3.63 20.59
N GLU A 47 -14.15 3.68 21.63
CA GLU A 47 -14.65 3.61 22.99
C GLU A 47 -14.93 4.98 23.61
N SER A 48 -13.97 5.89 23.48
CA SER A 48 -14.02 7.20 24.16
C SER A 48 -14.72 8.28 23.35
N GLY A 49 -14.69 8.15 22.02
CA GLY A 49 -15.24 9.16 21.12
C GLY A 49 -14.30 10.33 20.87
N GLU A 50 -13.08 10.26 21.41
CA GLU A 50 -12.11 11.33 21.20
C GLU A 50 -11.49 11.18 19.82
N GLN A 51 -11.15 12.29 19.18
CA GLN A 51 -10.45 12.24 17.90
C GLN A 51 -9.10 11.59 18.13
N PHE A 52 -8.71 10.78 17.17
CA PHE A 52 -7.44 10.09 17.21
C PHE A 52 -6.51 10.82 16.25
N PHE A 53 -5.36 11.25 16.78
CA PHE A 53 -4.28 11.79 15.93
C PHE A 53 -3.10 10.84 15.89
N ILE A 54 -2.60 10.57 14.70
CA ILE A 54 -1.42 9.75 14.51
C ILE A 54 -0.16 10.53 14.90
N LYS A 55 0.61 9.99 15.84
CA LYS A 55 1.99 10.45 16.09
C LYS A 55 2.85 9.23 15.85
N GLY A 56 3.42 9.16 14.66
CA GLY A 56 3.92 7.88 14.21
C GLY A 56 5.34 7.89 13.76
N ILE A 57 5.82 6.69 13.45
CA ILE A 57 7.10 6.53 12.82
C ILE A 57 7.05 5.27 11.96
N ALA A 58 7.67 5.36 10.78
CA ALA A 58 7.83 4.20 9.93
C ALA A 58 8.82 3.23 10.57
N TYR A 59 8.54 1.95 10.46
CA TYR A 59 9.33 0.93 11.14
C TYR A 59 9.52 -0.28 10.21
N GLN A 60 10.65 -0.33 9.53
CA GLN A 60 10.87 -1.38 8.53
C GLN A 60 12.35 -1.58 8.31
N LEU A 61 12.79 -2.80 8.57
CA LEU A 61 14.16 -3.23 8.31
C LEU A 61 14.28 -3.58 6.83
N GLN A 62 15.49 -3.55 6.31
CA GLN A 62 15.74 -4.06 4.97
C GLN A 62 17.02 -4.88 4.98
N ARG A 63 17.10 -5.83 4.08
CA ARG A 63 18.34 -6.60 3.93
C ARG A 63 19.35 -5.75 3.18
N SER A 64 20.57 -5.69 3.69
CA SER A 64 21.64 -4.95 3.01
C SER A 64 22.20 -5.74 1.84
N GLY A 73 18.54 -16.02 -1.29
CA GLY A 73 17.44 -15.37 -1.97
C GLY A 73 16.22 -16.28 -2.12
N ALA A 74 16.44 -17.47 -2.63
CA ALA A 74 15.37 -18.46 -2.69
C ALA A 74 15.04 -19.11 -1.35
N PHE A 75 15.66 -18.66 -0.26
CA PHE A 75 15.51 -19.41 0.98
C PHE A 75 14.77 -18.56 2.03
N GLU A 76 14.76 -17.26 1.83
CA GLU A 76 14.15 -16.32 2.78
C GLU A 76 13.36 -15.28 2.00
N THR A 77 12.42 -14.59 2.67
CA THR A 77 11.72 -13.47 2.03
C THR A 77 12.73 -12.36 1.74
N SER A 78 12.47 -11.61 0.67
CA SER A 78 13.33 -10.51 0.27
C SER A 78 13.26 -9.39 1.30
N TYR A 79 12.04 -9.14 1.80
CA TYR A 79 11.79 -8.24 2.92
C TYR A 79 11.99 -8.91 4.28
N ILE A 80 12.14 -8.09 5.32
CA ILE A 80 12.28 -8.56 6.69
C ILE A 80 11.02 -8.12 7.43
N ASP A 81 10.43 -9.06 8.15
CA ASP A 81 9.21 -8.79 8.92
C ASP A 81 9.57 -8.71 10.40
N ALA A 82 9.83 -7.49 10.88
CA ALA A 82 10.25 -7.31 12.27
C ALA A 82 9.13 -7.69 13.27
N LEU A 83 7.88 -7.57 12.81
CA LEU A 83 6.70 -7.91 13.63
C LEU A 83 6.46 -9.43 13.76
N ALA A 84 7.19 -10.20 12.97
CA ALA A 84 7.16 -11.66 13.10
C ALA A 84 8.25 -12.20 14.05
N ASP A 85 9.13 -11.31 14.54
CA ASP A 85 10.29 -11.74 15.30
C ASP A 85 10.33 -11.00 16.64
N PRO A 86 9.77 -11.62 17.70
CA PRO A 86 9.76 -10.98 19.01
C PRO A 86 11.10 -10.38 19.46
N LYS A 87 12.23 -11.02 19.18
CA LYS A 87 13.48 -10.45 19.67
C LYS A 87 13.78 -9.08 19.07
N ILE A 88 13.20 -8.81 17.90
CA ILE A 88 13.38 -7.52 17.25
C ILE A 88 12.37 -6.51 17.78
N CYS A 89 11.08 -6.81 17.69
CA CYS A 89 10.08 -5.83 18.10
C CYS A 89 10.19 -5.49 19.60
N LEU A 90 10.47 -6.50 20.42
CA LEU A 90 10.61 -6.29 21.86
C LEU A 90 11.86 -5.47 22.21
N ARG A 91 12.87 -5.53 21.34
CA ARG A 91 14.04 -4.67 21.50
C ARG A 91 13.66 -3.21 21.28
N ASP A 92 12.90 -2.97 20.23
CA ASP A 92 12.65 -1.62 19.75
C ASP A 92 11.50 -0.91 20.43
N ILE A 93 10.50 -1.66 20.89
CA ILE A 93 9.33 -1.04 21.52
C ILE A 93 9.67 -0.05 22.69
N PRO A 94 10.60 -0.41 23.61
CA PRO A 94 11.02 0.56 24.64
C PRO A 94 11.52 1.89 24.07
N PHE A 95 12.19 1.84 22.92
CA PHE A 95 12.69 3.04 22.27
C PHE A 95 11.57 3.80 21.57
N LEU A 96 10.67 3.06 20.94
CA LEU A 96 9.45 3.63 20.40
C LEU A 96 8.61 4.31 21.48
N LYS A 97 8.54 3.68 22.66
CA LYS A 97 7.82 4.27 23.79
C LYS A 97 8.48 5.61 24.15
N MET A 98 9.81 5.62 24.24
CA MET A 98 10.56 6.84 24.52
C MET A 98 10.26 7.96 23.53
N LEU A 99 10.09 7.63 22.24
CA LEU A 99 9.77 8.63 21.22
C LEU A 99 8.38 9.24 21.40
N GLY A 100 7.49 8.47 22.00
CA GLY A 100 6.12 8.92 22.26
C GLY A 100 5.19 8.72 21.07
N VAL A 101 5.51 7.73 20.23
CA VAL A 101 4.63 7.39 19.13
C VAL A 101 3.46 6.50 19.58
N ASN A 102 2.32 6.67 18.93
CA ASN A 102 1.18 5.76 19.09
C ASN A 102 0.87 4.97 17.82
N THR A 103 1.68 5.14 16.79
CA THR A 103 1.46 4.45 15.52
C THR A 103 2.78 4.14 14.83
N LEU A 104 2.86 2.94 14.25
CA LEU A 104 3.93 2.61 13.32
C LEU A 104 3.38 2.44 11.93
N ARG A 105 4.18 2.75 10.92
CA ARG A 105 3.85 2.28 9.58
C ARG A 105 4.79 1.13 9.22
N VAL A 106 4.21 0.02 8.81
CA VAL A 106 4.99 -1.14 8.40
C VAL A 106 4.67 -1.41 6.91
N TYR A 107 5.71 -1.62 6.10
CA TYR A 107 5.53 -1.69 4.64
C TYR A 107 5.40 -3.13 4.16
N ALA A 108 5.94 -4.06 4.93
CA ALA A 108 5.90 -5.47 4.52
C ALA A 108 5.87 -6.42 5.71
N ILE A 109 4.86 -7.31 5.71
CA ILE A 109 4.83 -8.45 6.63
C ILE A 109 4.77 -9.76 5.87
N ASP A 110 5.19 -10.83 6.55
CA ASP A 110 5.09 -12.16 6.01
C ASP A 110 3.85 -12.81 6.61
N PRO A 111 2.79 -13.00 5.78
CA PRO A 111 1.52 -13.51 6.29
C PRO A 111 1.58 -14.96 6.75
N THR A 112 2.63 -15.69 6.38
CA THR A 112 2.78 -17.06 6.85
C THR A 112 3.25 -17.16 8.31
N LYS A 113 3.67 -16.05 8.91
CA LYS A 113 4.22 -16.08 10.27
C LYS A 113 3.24 -15.46 11.28
N SER A 114 3.34 -15.88 12.53
CA SER A 114 2.55 -15.28 13.59
C SER A 114 2.97 -13.84 13.88
N HIS A 115 1.99 -13.00 14.23
CA HIS A 115 2.25 -11.61 14.64
C HIS A 115 1.67 -11.26 16.01
N ASP A 116 1.08 -12.23 16.70
CA ASP A 116 0.40 -11.87 17.96
C ASP A 116 1.29 -11.33 19.07
N ILE A 117 2.48 -11.90 19.24
CA ILE A 117 3.38 -11.41 20.29
C ILE A 117 3.71 -9.94 20.08
N CYS A 118 4.18 -9.57 18.89
CA CYS A 118 4.54 -8.18 18.63
C CYS A 118 3.34 -7.23 18.66
N MET A 119 2.22 -7.68 18.10
CA MET A 119 1.00 -6.86 18.11
C MET A 119 0.45 -6.65 19.53
N GLU A 120 0.51 -7.70 20.35
CA GLU A 120 0.11 -7.58 21.75
C GLU A 120 1.06 -6.66 22.52
N ALA A 121 2.36 -6.76 22.22
CA ALA A 121 3.35 -5.92 22.89
C ALA A 121 3.21 -4.45 22.48
N LEU A 122 2.86 -4.21 21.23
CA LEU A 122 2.59 -2.85 20.76
C LEU A 122 1.34 -2.29 21.46
N SER A 123 0.27 -3.08 21.49
CA SER A 123 -0.96 -2.70 22.17
C SER A 123 -0.72 -2.34 23.64
N ALA A 124 0.11 -3.12 24.32
CA ALA A 124 0.43 -2.86 25.74
C ALA A 124 1.12 -1.50 25.96
N GLU A 125 1.70 -0.95 24.90
CA GLU A 125 2.30 0.39 24.96
C GLU A 125 1.46 1.45 24.23
N GLY A 126 0.22 1.12 23.90
CA GLY A 126 -0.71 2.08 23.29
C GLY A 126 -0.44 2.34 21.82
N MET A 127 0.20 1.36 21.16
CA MET A 127 0.64 1.58 19.78
C MET A 127 -0.19 0.82 18.75
N TYR A 128 -0.47 1.51 17.64
CA TYR A 128 -1.22 1.01 16.49
C TYR A 128 -0.32 0.80 15.27
N VAL A 129 -0.82 0.08 14.28
CA VAL A 129 -0.03 -0.19 13.08
C VAL A 129 -0.83 0.16 11.81
N LEU A 130 -0.23 0.97 10.95
CA LEU A 130 -0.69 1.16 9.56
C LEU A 130 0.17 0.24 8.69
N LEU A 131 -0.47 -0.55 7.83
CA LEU A 131 0.22 -1.65 7.16
C LEU A 131 -0.03 -1.66 5.65
N ASP A 132 1.01 -1.62 4.84
CA ASP A 132 0.86 -1.87 3.39
C ASP A 132 0.50 -3.33 3.12
N LEU A 133 -0.34 -3.55 2.11
CA LEU A 133 -0.77 -4.89 1.75
C LEU A 133 0.23 -5.55 0.79
N SER A 134 0.93 -4.71 0.02
CA SER A 134 1.88 -5.17 -0.99
C SER A 134 3.28 -5.41 -0.38
N GLU A 135 4.18 -5.95 -1.20
CA GLU A 135 5.59 -6.02 -0.84
C GLU A 135 6.39 -5.87 -2.15
N PRO A 136 7.70 -5.60 -2.05
CA PRO A 136 8.42 -5.14 -3.26
C PRO A 136 8.26 -6.06 -4.46
N ASP A 137 8.17 -7.37 -4.20
CA ASP A 137 8.10 -8.35 -5.29
C ASP A 137 6.68 -8.70 -5.71
N ILE A 138 5.69 -8.25 -4.94
CA ILE A 138 4.27 -8.41 -5.30
C ILE A 138 3.52 -7.09 -5.03
N SER A 139 3.53 -6.22 -6.05
CA SER A 139 2.90 -4.89 -6.02
CA SER A 139 2.81 -4.95 -6.00
C SER A 139 2.37 -4.59 -7.41
N ILE A 140 1.47 -3.63 -7.51
CA ILE A 140 1.04 -3.14 -8.82
C ILE A 140 2.23 -2.45 -9.45
N ASN A 141 2.63 -2.94 -10.62
CA ASN A 141 3.79 -2.43 -11.34
C ASN A 141 3.37 -1.10 -12.00
N ARG A 142 3.91 0.01 -11.50
CA ARG A 142 3.44 1.33 -11.95
C ARG A 142 3.70 1.55 -13.44
N GLU A 143 4.72 0.87 -13.98
CA GLU A 143 5.04 1.07 -15.40
C GLU A 143 4.27 0.14 -16.34
N ASN A 144 3.87 -1.00 -15.82
CA ASN A 144 3.16 -2.01 -16.58
C ASN A 144 2.09 -2.63 -15.67
N PRO A 145 1.08 -1.83 -15.35
CA PRO A 145 0.17 -2.23 -14.31
C PRO A 145 -0.79 -3.37 -14.66
N SER A 146 -1.05 -4.19 -13.64
CA SER A 146 -2.03 -5.26 -13.72
CA SER A 146 -2.03 -5.26 -13.73
C SER A 146 -2.70 -5.36 -12.36
N TRP A 147 -3.98 -5.75 -12.33
CA TRP A 147 -4.64 -6.04 -11.05
C TRP A 147 -5.16 -7.46 -11.22
N ASP A 148 -4.47 -8.40 -10.56
CA ASP A 148 -4.66 -9.80 -10.94
C ASP A 148 -4.75 -10.71 -9.73
N VAL A 149 -4.95 -12.00 -9.99
CA VAL A 149 -5.17 -12.99 -8.93
C VAL A 149 -3.96 -13.12 -8.01
N HIS A 150 -2.76 -12.95 -8.57
CA HIS A 150 -1.53 -13.10 -7.81
C HIS A 150 -1.39 -11.97 -6.79
N ILE A 151 -1.57 -10.73 -7.22
CA ILE A 151 -1.47 -9.59 -6.31
C ILE A 151 -2.64 -9.61 -5.32
N PHE A 152 -3.84 -9.91 -5.83
CA PHE A 152 -5.03 -9.97 -4.96
C PHE A 152 -4.87 -11.02 -3.85
N GLU A 153 -4.33 -12.18 -4.18
CA GLU A 153 -4.08 -13.21 -3.18
C GLU A 153 -3.09 -12.74 -2.13
N ARG A 154 -2.05 -12.02 -2.55
CA ARG A 154 -1.12 -11.40 -1.59
C ARG A 154 -1.90 -10.47 -0.61
N TYR A 155 -2.76 -9.62 -1.15
CA TYR A 155 -3.53 -8.68 -0.32
C TYR A 155 -4.42 -9.44 0.67
N LYS A 156 -5.14 -10.44 0.18
CA LYS A 156 -6.02 -11.24 1.03
C LYS A 156 -5.24 -11.94 2.14
N SER A 157 -4.05 -12.47 1.81
CA SER A 157 -3.25 -13.17 2.82
CA SER A 157 -3.26 -13.18 2.83
C SER A 157 -2.85 -12.24 3.96
N VAL A 158 -2.48 -11.01 3.61
CA VAL A 158 -2.05 -10.03 4.65
C VAL A 158 -3.27 -9.67 5.49
N ILE A 159 -4.41 -9.44 4.83
CA ILE A 159 -5.68 -9.15 5.54
C ILE A 159 -6.04 -10.27 6.51
N ASP A 160 -5.93 -11.51 6.05
CA ASP A 160 -6.28 -12.62 6.92
C ASP A 160 -5.27 -12.85 8.03
N ALA A 161 -4.03 -12.45 7.79
CA ALA A 161 -2.98 -12.56 8.81
C ALA A 161 -3.11 -11.49 9.90
N MET A 162 -3.61 -10.32 9.54
CA MET A 162 -3.47 -9.14 10.44
C MET A 162 -4.75 -8.53 10.98
N SER A 163 -5.91 -9.02 10.52
CA SER A 163 -7.17 -8.34 10.86
C SER A 163 -7.75 -8.64 12.26
N SER A 164 -7.22 -9.63 12.96
CA SER A 164 -7.72 -9.96 14.31
C SER A 164 -7.27 -8.98 15.40
N PHE A 165 -6.36 -8.08 15.04
CA PHE A 165 -5.76 -7.17 16.01
C PHE A 165 -6.50 -5.82 16.02
N PRO A 166 -7.08 -5.45 17.19
CA PRO A 166 -7.75 -4.16 17.35
C PRO A 166 -6.85 -2.97 17.06
N ASN A 167 -5.54 -3.14 17.26
CA ASN A 167 -4.60 -2.04 17.00
C ASN A 167 -4.08 -1.94 15.55
N LEU A 168 -4.67 -2.74 14.65
CA LEU A 168 -4.43 -2.56 13.23
C LEU A 168 -5.29 -1.39 12.77
N LEU A 169 -4.65 -0.24 12.58
CA LEU A 169 -5.35 1.02 12.31
C LEU A 169 -5.95 1.03 10.90
N GLY A 170 -5.16 0.62 9.92
CA GLY A 170 -5.60 0.71 8.52
C GLY A 170 -4.64 -0.01 7.59
N TYR A 171 -5.12 -0.34 6.38
CA TYR A 171 -4.27 -0.95 5.34
C TYR A 171 -4.07 0.02 4.19
N PHE A 172 -2.86 0.06 3.65
CA PHE A 172 -2.65 0.74 2.37
C PHE A 172 -2.76 -0.26 1.21
N ALA A 173 -3.55 0.11 0.20
CA ALA A 173 -3.73 -0.72 -1.00
C ALA A 173 -2.69 -0.37 -2.12
N GLY A 174 -1.86 0.63 -1.86
CA GLY A 174 -0.76 0.97 -2.77
C GLY A 174 0.04 2.09 -2.13
N ASN A 175 1.27 2.22 -2.59
CA ASN A 175 2.17 3.28 -2.14
C ASN A 175 2.89 3.90 -3.32
N GLU A 176 2.57 5.15 -3.62
CA GLU A 176 3.28 5.91 -4.66
C GLU A 176 3.33 5.13 -5.98
N VAL A 177 2.19 4.58 -6.40
CA VAL A 177 2.14 3.74 -7.60
C VAL A 177 2.29 4.70 -8.79
N THR A 178 1.24 5.46 -9.16
CA THR A 178 1.48 6.62 -9.98
C THR A 178 2.37 7.55 -9.16
N ASN A 179 3.50 7.98 -9.73
CA ASN A 179 4.38 8.94 -9.03
C ASN A 179 4.77 10.15 -9.84
N ASP A 180 4.38 10.18 -11.12
CA ASP A 180 4.51 11.38 -11.94
C ASP A 180 3.54 11.31 -13.13
N HIS A 181 3.63 12.27 -14.03
CA HIS A 181 2.67 12.38 -15.12
C HIS A 181 2.82 11.28 -16.15
N THR A 182 3.85 10.43 -16.02
CA THR A 182 4.11 9.40 -17.05
C THR A 182 3.45 8.06 -16.72
N ASN A 183 2.89 7.89 -15.53
CA ASN A 183 2.32 6.60 -15.14
C ASN A 183 1.00 6.73 -14.38
N THR A 184 0.22 7.77 -14.75
CA THR A 184 -1.08 7.99 -14.12
C THR A 184 -2.06 6.88 -14.41
N PHE A 185 -1.86 6.18 -15.53
CA PHE A 185 -2.69 5.02 -15.90
C PHE A 185 -2.60 3.83 -14.95
N ALA A 186 -1.67 3.87 -13.98
CA ALA A 186 -1.61 2.83 -12.95
C ALA A 186 -2.70 3.01 -11.89
N SER A 187 -3.20 4.23 -11.73
CA SER A 187 -4.15 4.54 -10.65
C SER A 187 -5.49 3.77 -10.70
N PRO A 188 -6.07 3.53 -11.89
CA PRO A 188 -7.28 2.70 -11.88
C PRO A 188 -7.08 1.30 -11.29
N PHE A 189 -5.87 0.75 -11.44
CA PHE A 189 -5.57 -0.56 -10.89
C PHE A 189 -5.55 -0.46 -9.35
N VAL A 190 -4.98 0.62 -8.83
CA VAL A 190 -4.96 0.86 -7.36
C VAL A 190 -6.40 1.00 -6.87
N LYS A 191 -7.24 1.73 -7.60
CA LYS A 191 -8.63 1.89 -7.16
C LYS A 191 -9.40 0.59 -7.17
N ALA A 192 -9.15 -0.27 -8.16
CA ALA A 192 -9.73 -1.61 -8.17
C ALA A 192 -9.27 -2.40 -6.94
N ALA A 193 -8.00 -2.26 -6.58
CA ALA A 193 -7.45 -2.94 -5.41
C ALA A 193 -8.13 -2.45 -4.13
N ILE A 194 -8.37 -1.14 -4.04
CA ILE A 194 -9.11 -0.56 -2.90
C ILE A 194 -10.51 -1.17 -2.82
N ARG A 195 -11.23 -1.12 -3.93
CA ARG A 195 -12.56 -1.73 -4.02
C ARG A 195 -12.54 -3.19 -3.53
N ASP A 196 -11.63 -3.97 -4.09
CA ASP A 196 -11.64 -5.41 -3.85
C ASP A 196 -11.19 -5.76 -2.46
N ALA A 197 -10.17 -5.06 -1.95
CA ALA A 197 -9.77 -5.25 -0.53
C ALA A 197 -10.90 -4.92 0.44
N LYS A 198 -11.57 -3.78 0.20
CA LYS A 198 -12.71 -3.39 1.06
C LYS A 198 -13.83 -4.44 0.99
N GLU A 199 -14.12 -4.94 -0.21
CA GLU A 199 -15.20 -5.92 -0.32
C GLU A 199 -14.79 -7.24 0.34
N TYR A 200 -13.52 -7.62 0.19
CA TYR A 200 -13.04 -8.87 0.83
C TYR A 200 -13.18 -8.74 2.35
N ILE A 201 -12.78 -7.58 2.89
CA ILE A 201 -12.93 -7.34 4.33
C ILE A 201 -14.41 -7.35 4.73
N SER A 202 -15.24 -6.69 3.93
CA SER A 202 -16.67 -6.59 4.22
C SER A 202 -17.33 -7.97 4.28
N HIS A 203 -16.96 -8.86 3.35
CA HIS A 203 -17.56 -10.18 3.28
C HIS A 203 -16.95 -11.19 4.28
N SER A 204 -15.80 -10.84 4.84
CA SER A 204 -15.14 -11.68 5.86
C SER A 204 -15.77 -11.46 7.23
N ASN A 205 -15.36 -12.26 8.22
CA ASN A 205 -15.83 -12.09 9.59
C ASN A 205 -15.09 -10.99 10.36
N HIS A 206 -14.07 -10.41 9.74
CA HIS A 206 -13.17 -9.46 10.42
C HIS A 206 -13.84 -8.10 10.70
N ARG A 207 -13.32 -7.39 11.71
CA ARG A 207 -13.59 -5.98 11.89
C ARG A 207 -13.31 -5.26 10.57
N LYS A 208 -14.10 -4.23 10.26
CA LYS A 208 -13.97 -3.56 8.97
C LYS A 208 -12.85 -2.53 8.97
N ILE A 209 -11.62 -3.03 8.98
CA ILE A 209 -10.44 -2.18 8.97
C ILE A 209 -10.41 -1.35 7.68
N PRO A 210 -10.24 -0.02 7.79
CA PRO A 210 -10.26 0.80 6.56
C PRO A 210 -9.09 0.54 5.64
N VAL A 211 -9.30 0.81 4.37
CA VAL A 211 -8.30 0.60 3.32
C VAL A 211 -8.11 1.92 2.60
N GLY A 212 -6.87 2.41 2.59
CA GLY A 212 -6.57 3.71 2.03
C GLY A 212 -5.42 3.64 1.04
N TYR A 213 -4.79 4.78 0.78
CA TYR A 213 -3.77 4.87 -0.23
C TYR A 213 -2.71 5.83 0.28
N SER A 214 -1.46 5.58 -0.10
CA SER A 214 -0.36 6.48 0.24
C SER A 214 0.27 6.99 -1.03
N THR A 215 0.40 8.31 -1.12
CA THR A 215 0.85 8.96 -2.32
C THR A 215 2.14 9.76 -2.10
N ASN A 216 2.86 10.08 -3.18
CA ASN A 216 3.97 11.01 -3.08
C ASN A 216 3.44 12.46 -3.27
N ASP A 217 4.34 13.38 -3.58
CA ASP A 217 3.99 14.79 -3.53
C ASP A 217 4.47 15.52 -4.77
N ASP A 218 4.28 14.89 -5.93
CA ASP A 218 4.67 15.52 -7.22
C ASP A 218 3.68 16.65 -7.45
N ALA A 219 4.19 17.87 -7.60
CA ALA A 219 3.32 19.06 -7.73
C ALA A 219 2.37 18.98 -8.93
N MET A 220 2.81 18.32 -10.01
CA MET A 220 2.01 18.22 -11.26
C MET A 220 0.86 17.22 -11.18
N THR A 221 0.96 16.22 -10.31
CA THR A 221 -0.05 15.16 -10.27
C THR A 221 -0.85 15.14 -8.98
N ARG A 222 -0.40 15.86 -7.96
CA ARG A 222 -0.97 15.63 -6.61
C ARG A 222 -2.45 16.01 -6.52
N ASP A 223 -2.86 17.07 -7.21
CA ASP A 223 -4.29 17.48 -7.16
C ASP A 223 -5.19 16.42 -7.79
N ASN A 224 -4.81 15.99 -8.99
CA ASN A 224 -5.59 14.96 -9.70
C ASN A 224 -5.61 13.63 -8.96
N LEU A 225 -4.50 13.25 -8.34
CA LEU A 225 -4.47 12.02 -7.56
C LEU A 225 -5.44 12.08 -6.37
N ALA A 226 -5.41 13.19 -5.63
CA ALA A 226 -6.30 13.33 -4.47
C ALA A 226 -7.78 13.27 -4.87
N ARG A 227 -8.13 13.94 -5.97
CA ARG A 227 -9.50 13.89 -6.46
C ARG A 227 -9.86 12.49 -6.95
N TYR A 228 -8.96 11.88 -7.75
CA TYR A 228 -9.24 10.57 -8.32
C TYR A 228 -9.54 9.54 -7.23
N PHE A 229 -8.80 9.58 -6.13
CA PHE A 229 -9.02 8.56 -5.10
C PHE A 229 -10.28 8.71 -4.26
N VAL A 230 -11.02 9.79 -4.49
CA VAL A 230 -12.34 9.98 -3.89
C VAL A 230 -13.46 10.21 -4.92
N CYS A 231 -13.14 10.02 -6.20
CA CYS A 231 -14.14 10.22 -7.25
C CYS A 231 -14.96 8.96 -7.58
N GLY A 232 -16.12 9.15 -8.20
CA GLY A 232 -16.92 8.04 -8.70
C GLY A 232 -17.44 7.18 -7.56
N ASP A 233 -17.49 5.87 -7.79
CA ASP A 233 -18.23 4.93 -6.92
C ASP A 233 -17.32 4.18 -5.96
N VAL A 234 -16.01 4.31 -6.15
CA VAL A 234 -15.02 3.63 -5.33
C VAL A 234 -14.13 4.71 -4.70
N LYS A 235 -14.01 4.69 -3.37
CA LYS A 235 -13.19 5.67 -2.69
C LYS A 235 -12.21 5.02 -1.74
N ALA A 236 -11.02 5.59 -1.63
CA ALA A 236 -10.11 5.29 -0.52
C ALA A 236 -10.82 5.63 0.80
N ASP A 237 -10.51 4.89 1.87
CA ASP A 237 -11.07 5.20 3.19
C ASP A 237 -10.32 6.34 3.88
N PHE A 238 -9.04 6.46 3.57
CA PHE A 238 -8.16 7.52 4.09
C PHE A 238 -7.03 7.75 3.10
N TYR A 239 -6.31 8.85 3.28
CA TYR A 239 -5.35 9.25 2.26
C TYR A 239 -4.09 9.76 2.96
N GLY A 240 -2.97 9.07 2.77
CA GLY A 240 -1.70 9.50 3.37
C GLY A 240 -0.78 10.06 2.32
N ILE A 241 -0.10 11.17 2.64
CA ILE A 241 0.84 11.78 1.73
C ILE A 241 2.26 11.64 2.30
N ASN A 242 3.17 11.19 1.44
CA ASN A 242 4.58 11.17 1.81
C ASN A 242 5.10 12.59 1.59
N MET A 243 5.27 13.29 2.72
CA MET A 243 5.33 14.75 2.73
C MET A 243 6.70 15.26 3.18
N TYR A 244 7.50 15.75 2.23
CA TYR A 244 8.88 16.19 2.49
C TYR A 244 9.11 17.67 2.18
N GLU A 245 8.03 18.45 2.14
CA GLU A 245 8.13 19.88 1.80
C GLU A 245 8.89 20.72 2.83
N TRP A 246 8.85 20.29 4.09
CA TRP A 246 9.45 21.06 5.19
C TRP A 246 10.86 20.54 5.47
N CYS A 247 11.87 21.29 5.04
CA CYS A 247 13.27 20.91 5.23
C CYS A 247 13.95 21.92 6.13
N GLY A 248 14.65 21.42 7.14
CA GLY A 248 15.39 22.28 8.08
C GLY A 248 14.48 23.21 8.84
N TYR A 249 14.97 24.41 9.13
CA TYR A 249 14.20 25.34 9.96
C TYR A 249 13.23 26.17 9.09
N SER A 250 12.23 25.48 8.54
CA SER A 250 11.25 26.11 7.67
C SER A 250 10.10 26.71 8.51
N THR A 251 9.05 27.17 7.83
CA THR A 251 7.86 27.68 8.52
C THR A 251 6.58 27.15 7.89
N TYR A 252 5.48 27.33 8.60
CA TYR A 252 4.15 26.92 8.13
C TYR A 252 3.85 27.51 6.75
N GLY A 253 4.08 28.81 6.59
CA GLY A 253 3.86 29.49 5.30
C GLY A 253 4.82 29.08 4.18
N THR A 254 6.11 29.23 4.41
CA THR A 254 7.08 29.04 3.35
C THR A 254 7.29 27.58 2.93
N SER A 255 7.15 26.66 3.87
CA SER A 255 7.35 25.25 3.59
C SER A 255 6.40 24.80 2.50
N GLY A 256 5.20 25.32 2.57
CA GLY A 256 4.11 24.81 1.79
C GLY A 256 3.02 24.22 2.67
N TYR A 257 3.26 23.99 3.97
CA TYR A 257 2.22 23.31 4.71
C TYR A 257 0.92 24.13 4.72
N ARG A 258 1.04 25.44 4.70
CA ARG A 258 -0.15 26.28 4.71
C ARG A 258 -1.02 26.08 3.49
N GLU A 259 -0.43 26.00 2.32
CA GLU A 259 -1.20 25.83 1.10
C GLU A 259 -1.80 24.42 0.98
N ARG A 260 -1.03 23.42 1.41
CA ARG A 260 -1.53 22.05 1.42
C ARG A 260 -2.73 21.94 2.33
N THR A 261 -2.68 22.64 3.46
CA THR A 261 -3.78 22.61 4.41
C THR A 261 -5.02 23.25 3.80
N LYS A 262 -4.87 24.42 3.18
CA LYS A 262 -6.00 25.07 2.52
C LYS A 262 -6.63 24.17 1.45
N GLU A 263 -5.79 23.50 0.66
CA GLU A 263 -6.33 22.68 -0.40
C GLU A 263 -7.04 21.38 0.07
N PHE A 264 -6.68 20.84 1.24
CA PHE A 264 -7.39 19.68 1.79
C PHE A 264 -8.54 20.01 2.74
N GLU A 265 -8.77 21.30 2.97
CA GLU A 265 -9.92 21.70 3.76
C GLU A 265 -11.18 21.07 3.16
N GLY A 266 -11.92 20.31 3.97
CA GLY A 266 -13.18 19.72 3.51
C GLY A 266 -13.03 18.45 2.67
N TYR A 267 -11.79 18.01 2.44
CA TYR A 267 -11.56 16.74 1.74
C TYR A 267 -12.34 15.65 2.49
N PRO A 268 -13.09 14.80 1.77
CA PRO A 268 -14.10 13.95 2.44
C PRO A 268 -13.62 12.77 3.30
N ILE A 269 -12.33 12.45 3.24
CA ILE A 269 -11.79 11.34 4.04
C ILE A 269 -10.60 11.79 4.91
N PRO A 270 -10.25 11.02 5.98
CA PRO A 270 -9.11 11.45 6.78
C PRO A 270 -7.83 11.54 5.97
N VAL A 271 -7.02 12.55 6.27
CA VAL A 271 -5.78 12.78 5.52
C VAL A 271 -4.69 13.02 6.56
N PHE A 272 -3.50 12.53 6.26
CA PHE A 272 -2.35 12.63 7.18
C PHE A 272 -1.06 12.48 6.38
N PHE A 273 0.07 12.73 7.05
CA PHE A 273 1.38 12.55 6.41
C PHE A 273 1.80 11.12 6.67
N SER A 274 1.73 10.26 5.65
CA SER A 274 2.16 8.86 5.82
C SER A 274 3.67 8.74 6.00
N GLU A 275 4.41 9.77 5.55
CA GLU A 275 5.83 9.97 5.85
C GLU A 275 6.07 11.46 5.99
N PHE A 276 7.02 11.83 6.84
CA PHE A 276 7.60 13.18 6.81
C PHE A 276 8.98 13.09 7.40
N GLY A 277 9.77 14.13 7.18
CA GLY A 277 11.11 14.24 7.76
C GLY A 277 12.20 14.43 6.74
N CYS A 278 12.08 15.49 5.94
CA CYS A 278 13.13 15.87 5.02
C CYS A 278 14.45 15.99 5.80
N ASN A 279 15.51 15.36 5.28
CA ASN A 279 16.80 15.29 5.99
C ASN A 279 17.87 16.23 5.45
N LEU A 280 17.42 17.24 4.70
CA LEU A 280 18.34 18.19 4.07
C LEU A 280 19.22 18.88 5.11
N VAL A 281 18.62 19.26 6.23
CA VAL A 281 19.38 19.78 7.37
C VAL A 281 19.41 18.77 8.51
N ARG A 282 20.60 18.56 9.06
CA ARG A 282 20.77 17.60 10.16
C ARG A 282 21.53 18.23 11.33
N PRO A 283 21.32 17.69 12.55
CA PRO A 283 20.29 16.72 12.90
C PRO A 283 18.91 17.31 12.61
N ARG A 284 17.99 16.52 12.08
CA ARG A 284 16.64 17.02 11.82
C ARG A 284 16.02 17.65 13.06
N PRO A 285 15.64 18.94 12.99
CA PRO A 285 14.99 19.54 14.17
C PRO A 285 13.54 19.10 14.30
N PHE A 286 12.98 18.56 13.22
CA PHE A 286 11.57 18.17 13.16
C PHE A 286 10.60 19.27 13.63
N THR A 287 10.89 20.53 13.30
CA THR A 287 10.02 21.65 13.67
C THR A 287 8.66 21.61 12.95
N GLU A 288 8.56 20.80 11.89
CA GLU A 288 7.29 20.58 11.18
C GLU A 288 6.21 20.00 12.09
N VAL A 289 6.66 19.26 13.11
CA VAL A 289 5.79 18.61 14.07
C VAL A 289 4.97 19.64 14.87
N SER A 290 5.61 20.74 15.24
CA SER A 290 4.93 21.88 15.88
C SER A 290 3.79 22.42 15.03
N ALA A 291 4.02 22.53 13.72
CA ALA A 291 3.01 22.97 12.77
C ALA A 291 1.90 21.92 12.62
N LEU A 292 2.31 20.67 12.42
CA LEU A 292 1.36 19.58 12.14
C LEU A 292 0.29 19.42 13.22
N TYR A 293 0.68 19.59 14.47
CA TYR A 293 -0.25 19.39 15.58
C TYR A 293 -0.78 20.70 16.14
N GLY A 294 -0.33 21.81 15.58
CA GLY A 294 -0.84 23.14 15.97
C GLY A 294 -2.29 23.28 15.56
N ASN A 295 -2.95 24.33 16.06
CA ASN A 295 -4.40 24.52 15.88
C ASN A 295 -4.87 24.54 14.43
N LYS A 296 -4.16 25.28 13.57
CA LYS A 296 -4.51 25.39 12.15
C LYS A 296 -4.46 24.06 11.38
N MET A 297 -3.38 23.31 11.56
CA MET A 297 -3.29 22.02 10.85
C MET A 297 -4.12 20.90 11.46
N SER A 298 -4.32 20.93 12.77
CA SER A 298 -5.03 19.84 13.47
C SER A 298 -6.52 19.78 13.11
N SER A 299 -7.05 20.87 12.56
CA SER A 299 -8.44 20.88 12.11
C SER A 299 -8.61 20.16 10.77
N VAL A 300 -7.49 19.97 10.06
CA VAL A 300 -7.52 19.35 8.73
C VAL A 300 -6.81 17.97 8.73
N TRP A 301 -5.58 17.95 9.27
CA TRP A 301 -4.74 16.75 9.22
C TRP A 301 -4.94 15.86 10.44
N SER A 302 -4.90 14.55 10.22
CA SER A 302 -4.94 13.57 11.30
C SER A 302 -3.55 13.13 11.80
N GLY A 303 -2.57 14.02 11.69
CA GLY A 303 -1.23 13.71 12.17
C GLY A 303 -0.30 13.18 11.08
N GLY A 304 0.66 12.35 11.47
CA GLY A 304 1.66 11.92 10.52
C GLY A 304 2.66 10.97 11.14
N LEU A 305 3.46 10.36 10.28
CA LEU A 305 4.48 9.40 10.72
C LEU A 305 5.86 9.82 10.22
N ALA A 306 6.81 9.92 11.13
CA ALA A 306 8.18 10.32 10.79
C ALA A 306 8.80 9.17 9.99
N TYR A 307 9.67 9.50 9.04
CA TYR A 307 10.43 8.49 8.30
C TYR A 307 11.92 8.59 8.61
N MET A 308 12.53 7.60 9.30
CA MET A 308 11.90 6.41 9.88
C MET A 308 12.75 5.98 11.09
N TYR A 309 12.35 4.88 11.72
CA TYR A 309 13.09 4.37 12.90
C TYR A 309 14.54 3.96 12.58
N PHE A 310 14.73 3.05 11.62
CA PHE A 310 16.05 2.47 11.37
C PHE A 310 16.87 3.31 10.42
N GLU A 311 18.13 3.48 10.78
CA GLU A 311 19.12 4.09 9.90
C GLU A 311 19.60 3.04 8.91
N GLU A 312 19.50 3.36 7.61
CA GLU A 312 19.95 2.44 6.56
C GLU A 312 20.95 3.10 5.59
N GLU A 313 21.92 3.85 6.13
CA GLU A 313 22.98 4.49 5.31
C GLU A 313 22.37 5.47 4.29
N ASN A 314 21.14 5.87 4.55
CA ASN A 314 20.36 6.79 3.72
C ASN A 314 20.11 8.08 4.53
N GLU A 315 20.63 8.07 5.76
CA GLU A 315 20.50 9.16 6.73
C GLU A 315 19.06 9.54 7.01
N TYR A 316 18.17 8.54 7.15
CA TYR A 316 16.79 8.81 7.56
C TYR A 316 16.40 8.21 8.91
N GLY A 317 17.32 7.50 9.55
CA GLY A 317 17.01 6.85 10.82
C GLY A 317 17.11 7.75 12.03
N VAL A 318 16.43 7.34 13.10
CA VAL A 318 16.62 7.96 14.44
C VAL A 318 17.40 7.03 15.38
N VAL A 319 17.54 5.77 14.98
CA VAL A 319 18.47 4.83 15.62
C VAL A 319 19.26 4.04 14.58
N LYS A 320 20.41 3.54 15.02
CA LYS A 320 21.23 2.66 14.22
C LYS A 320 21.42 1.35 14.97
N ILE A 321 21.18 0.23 14.29
CA ILE A 321 21.42 -1.07 14.92
C ILE A 321 22.91 -1.43 14.78
N ASN A 322 23.58 -1.63 15.92
CA ASN A 322 25.02 -1.93 15.91
C ASN A 322 25.34 -3.39 15.57
N ASP A 323 26.63 -3.72 15.57
CA ASP A 323 27.10 -5.07 15.24
C ASP A 323 26.70 -6.07 16.31
N ASN A 324 26.43 -5.54 17.51
CA ASN A 324 25.97 -6.35 18.63
C ASN A 324 24.46 -6.52 18.63
N ASP A 325 23.83 -6.02 17.56
CA ASP A 325 22.36 -6.01 17.41
C ASP A 325 21.65 -5.13 18.42
N GLY A 326 22.40 -4.27 19.11
CA GLY A 326 21.83 -3.30 20.02
C GLY A 326 21.41 -2.02 19.32
N VAL A 327 20.66 -1.19 20.04
CA VAL A 327 20.14 0.06 19.49
C VAL A 327 21.06 1.22 19.90
N ASP A 328 21.59 1.92 18.90
CA ASP A 328 22.38 3.13 19.18
C ASP A 328 21.51 4.32 18.78
N ILE A 329 21.15 5.15 19.76
CA ILE A 329 20.32 6.34 19.52
C ILE A 329 21.11 7.39 18.73
N LEU A 330 20.51 7.96 17.69
CA LEU A 330 21.19 8.95 16.82
C LEU A 330 20.74 10.39 17.13
N PRO A 331 21.51 11.41 16.67
CA PRO A 331 21.19 12.80 17.04
C PRO A 331 19.75 13.28 16.77
N ASP A 332 19.09 12.72 15.76
CA ASP A 332 17.69 13.02 15.43
C ASP A 332 16.68 12.61 16.50
N PHE A 333 16.99 11.53 17.21
CA PHE A 333 16.05 10.86 18.13
C PHE A 333 15.51 11.84 19.18
N LYS A 334 16.40 12.59 19.82
CA LYS A 334 15.98 13.53 20.88
C LYS A 334 15.10 14.67 20.36
N ASN A 335 15.36 15.11 19.13
CA ASN A 335 14.55 16.18 18.53
C ASN A 335 13.14 15.69 18.24
N LEU A 336 13.02 14.50 17.66
CA LEU A 336 11.70 13.92 17.42
C LEU A 336 10.96 13.67 18.74
N LYS A 337 11.68 13.12 19.72
CA LYS A 337 11.09 12.89 21.04
C LYS A 337 10.53 14.18 21.65
N LYS A 338 11.33 15.25 21.62
CA LYS A 338 10.94 16.55 22.18
C LYS A 338 9.72 17.15 21.46
N GLU A 339 9.74 17.08 20.15
CA GLU A 339 8.65 17.63 19.34
C GLU A 339 7.32 16.86 19.54
N PHE A 340 7.37 15.52 19.57
CA PHE A 340 6.16 14.72 19.85
C PHE A 340 5.64 14.97 21.28
N ALA A 341 6.57 15.07 22.23
CA ALA A 341 6.22 15.33 23.65
C ALA A 341 5.44 16.64 23.79
N LYS A 342 5.84 17.63 22.99
CA LYS A 342 5.26 18.96 22.99
C LYS A 342 3.94 19.00 22.22
N ALA A 343 3.79 18.09 21.26
CA ALA A 343 2.62 18.06 20.39
C ALA A 343 1.34 17.72 21.17
N ASP A 344 0.35 18.59 21.09
CA ASP A 344 -0.90 18.44 21.84
C ASP A 344 -2.08 18.87 20.94
N PRO A 345 -2.42 18.04 19.94
CA PRO A 345 -3.42 18.49 18.97
C PRO A 345 -4.78 18.68 19.63
N LYS A 346 -5.44 19.80 19.34
CA LYS A 346 -6.79 20.06 19.85
C LYS A 346 -7.72 19.57 18.77
N GLY A 347 -8.47 18.53 19.09
CA GLY A 347 -9.37 17.93 18.14
C GLY A 347 -10.80 18.20 18.52
N ILE A 348 -11.70 17.42 17.93
CA ILE A 348 -13.11 17.50 18.27
C ILE A 348 -13.65 16.12 18.52
N THR A 349 -14.59 16.01 19.46
CA THR A 349 -15.14 14.71 19.79
C THR A 349 -16.09 14.23 18.71
N GLU A 350 -16.30 12.92 18.67
CA GLU A 350 -17.18 12.31 17.70
C GLU A 350 -18.58 12.94 17.75
N GLU A 351 -19.10 13.16 18.95
CA GLU A 351 -20.44 13.73 19.10
C GLU A 351 -20.53 15.16 18.58
N GLU A 352 -19.57 16.02 18.92
CA GLU A 352 -19.60 17.37 18.36
C GLU A 352 -19.37 17.38 16.85
N TYR A 353 -18.43 16.55 16.37
CA TYR A 353 -18.23 16.41 14.94
C TYR A 353 -19.54 16.08 14.23
N LEU A 354 -20.29 15.13 14.77
CA LEU A 354 -21.56 14.73 14.16
C LEU A 354 -22.59 15.86 14.12
N THR A 355 -22.60 16.72 15.15
CA THR A 355 -23.54 17.84 15.21
C THR A 355 -23.13 19.01 14.29
N GLU A 363 -24.14 12.27 -4.63
CA GLU A 363 -23.26 13.45 -4.62
C GLU A 363 -21.78 13.07 -4.67
N SER A 364 -21.44 12.19 -5.61
CA SER A 364 -20.05 11.79 -5.82
C SER A 364 -19.26 12.92 -6.48
N VAL A 365 -17.94 12.89 -6.30
CA VAL A 365 -17.07 13.89 -6.92
C VAL A 365 -16.70 13.42 -8.33
N GLU A 366 -16.64 14.36 -9.26
CA GLU A 366 -16.29 14.08 -10.64
C GLU A 366 -14.83 13.62 -10.71
N CYS A 367 -14.57 12.58 -11.49
CA CYS A 367 -13.20 12.14 -11.74
C CYS A 367 -12.51 13.14 -12.67
N PRO A 368 -11.22 13.41 -12.42
CA PRO A 368 -10.51 14.37 -13.28
C PRO A 368 -10.60 13.92 -14.73
N HIS A 369 -10.73 14.90 -15.63
CA HIS A 369 -10.81 14.62 -17.06
C HIS A 369 -9.47 14.09 -17.58
N ILE A 370 -9.53 13.32 -18.65
CA ILE A 370 -8.34 12.75 -19.30
C ILE A 370 -7.66 13.79 -20.19
N ALA A 371 -6.34 13.93 -20.04
CA ALA A 371 -5.53 14.80 -20.89
C ALA A 371 -4.21 14.09 -21.19
N VAL A 372 -3.93 13.87 -22.47
CA VAL A 372 -2.76 13.07 -22.87
C VAL A 372 -1.46 13.65 -22.27
N GLY A 373 -0.66 12.79 -21.65
CA GLY A 373 0.63 13.21 -21.11
C GLY A 373 0.50 13.89 -19.76
N VAL A 374 -0.74 14.09 -19.31
CA VAL A 374 -0.98 14.86 -18.10
C VAL A 374 -1.77 14.02 -17.10
N TRP A 375 -2.91 13.52 -17.54
CA TRP A 375 -3.75 12.68 -16.67
C TRP A 375 -4.47 11.62 -17.47
N GLU A 376 -4.14 10.36 -17.21
CA GLU A 376 -4.58 9.24 -18.04
CA GLU A 376 -4.66 9.28 -18.04
C GLU A 376 -5.17 8.11 -17.20
N ALA A 377 -5.87 8.43 -16.12
CA ALA A 377 -6.47 7.39 -15.26
C ALA A 377 -7.95 7.33 -15.60
N ASN A 378 -8.36 6.29 -16.35
CA ASN A 378 -9.78 6.13 -16.69
C ASN A 378 -10.65 5.95 -15.44
N GLU A 379 -11.88 6.47 -15.48
CA GLU A 379 -12.81 6.22 -14.40
C GLU A 379 -13.21 4.73 -14.32
N LYS A 380 -13.22 4.07 -15.49
CA LYS A 380 -13.59 2.66 -15.60
C LYS A 380 -12.45 1.79 -15.06
N LEU A 381 -12.77 0.93 -14.10
CA LEU A 381 -11.77 0.16 -13.38
C LEU A 381 -11.71 -1.31 -13.81
N PRO A 382 -10.53 -1.94 -13.67
CA PRO A 382 -10.48 -3.37 -14.00
C PRO A 382 -11.41 -4.14 -13.08
N GLU A 383 -11.83 -5.32 -13.56
CA GLU A 383 -12.73 -6.20 -12.79
C GLU A 383 -12.03 -6.87 -11.59
N THR A 384 -12.83 -7.39 -10.66
CA THR A 384 -12.30 -8.14 -9.52
C THR A 384 -11.65 -9.43 -10.05
N PRO A 385 -10.37 -9.66 -9.73
CA PRO A 385 -9.73 -10.89 -10.17
C PRO A 385 -10.47 -12.14 -9.71
N ASP A 386 -10.66 -13.05 -10.65
CA ASP A 386 -11.50 -14.22 -10.44
C ASP A 386 -10.63 -15.48 -10.43
N ARG A 387 -10.26 -15.92 -9.23
CA ARG A 387 -9.35 -17.05 -9.05
C ARG A 387 -9.87 -18.34 -9.69
N SER A 388 -11.19 -18.52 -9.70
CA SER A 388 -11.80 -19.74 -10.22
C SER A 388 -11.78 -19.79 -11.73
N LYS A 389 -12.07 -18.65 -12.36
CA LYS A 389 -11.95 -18.52 -13.79
C LYS A 389 -10.51 -18.80 -14.20
N CYS A 390 -9.58 -18.12 -13.54
CA CYS A 390 -8.15 -18.26 -13.90
C CYS A 390 -7.61 -19.66 -13.63
N ALA A 391 -8.08 -20.29 -12.56
CA ALA A 391 -7.70 -21.68 -12.26
C ALA A 391 -8.17 -22.70 -13.32
N CYS A 392 -9.27 -22.39 -14.02
CA CYS A 392 -9.69 -23.17 -15.20
C CYS A 392 -8.60 -23.23 -16.27
N LEU A 393 -7.85 -22.14 -16.40
CA LEU A 393 -6.74 -22.11 -17.35
C LEU A 393 -5.68 -23.15 -16.97
N ASP A 394 -5.35 -23.22 -15.69
CA ASP A 394 -4.42 -24.23 -15.19
C ASP A 394 -4.85 -25.67 -15.52
N GLU A 395 -6.16 -25.91 -15.54
CA GLU A 395 -6.70 -27.27 -15.67
C GLU A 395 -6.93 -27.68 -17.12
N ILE A 396 -7.40 -26.76 -17.95
CA ILE A 396 -7.89 -27.13 -19.27
C ILE A 396 -6.94 -26.80 -20.42
N LEU A 397 -5.98 -25.91 -20.20
CA LEU A 397 -5.10 -25.47 -21.30
C LEU A 397 -4.12 -26.58 -21.72
N PRO A 398 -4.01 -26.84 -23.04
CA PRO A 398 -3.04 -27.85 -23.51
C PRO A 398 -1.58 -27.47 -23.22
N CYS A 399 -1.26 -26.17 -23.29
CA CYS A 399 0.11 -25.71 -23.10
C CYS A 399 0.25 -24.71 -21.97
N GLU A 400 1.16 -25.00 -21.05
CA GLU A 400 1.37 -24.13 -19.88
C GLU A 400 2.82 -23.71 -19.68
N ILE A 401 2.98 -22.62 -18.96
CA ILE A 401 4.27 -22.17 -18.48
C ILE A 401 4.27 -22.12 -16.95
N VAL A 402 5.26 -22.78 -16.34
CA VAL A 402 5.36 -22.78 -14.89
C VAL A 402 5.93 -21.46 -14.39
N PRO A 403 5.53 -21.05 -13.16
CA PRO A 403 6.21 -19.96 -12.48
C PRO A 403 7.64 -20.34 -12.10
N PHE A 404 7.91 -21.64 -11.99
CA PHE A 404 9.20 -22.18 -11.51
C PHE A 404 10.32 -21.96 -12.54
N GLY A 409 12.79 -11.00 -17.49
CA GLY A 409 13.53 -11.04 -18.74
C GLY A 409 12.91 -12.03 -19.71
N LYS A 410 12.60 -13.22 -19.20
CA LYS A 410 11.88 -14.22 -19.98
C LYS A 410 10.47 -13.74 -20.39
N TYR A 411 9.72 -13.20 -19.44
CA TYR A 411 8.31 -12.90 -19.67
C TYR A 411 8.07 -11.84 -20.76
N GLU A 412 8.69 -10.68 -20.60
CA GLU A 412 8.53 -9.57 -21.55
C GLU A 412 8.92 -9.99 -22.96
N GLU A 413 9.95 -10.84 -23.05
CA GLU A 413 10.40 -11.38 -24.33
C GLU A 413 9.40 -12.40 -24.90
N TYR A 414 8.82 -13.21 -24.03
CA TYR A 414 7.85 -14.23 -24.46
C TYR A 414 6.51 -13.64 -24.88
N PHE A 415 6.14 -12.51 -24.29
CA PHE A 415 4.96 -11.77 -24.73
C PHE A 415 5.15 -11.20 -26.12
N SER A 416 6.27 -10.50 -26.32
CA SER A 416 6.67 -10.02 -27.64
C SER A 416 6.51 -11.09 -28.72
N TYR A 417 7.08 -12.27 -28.47
CA TYR A 417 7.00 -13.36 -29.43
C TYR A 417 5.58 -13.87 -29.64
N LEU A 418 4.89 -14.21 -28.56
CA LEU A 418 3.56 -14.82 -28.68
C LEU A 418 2.54 -13.84 -29.26
N CYS A 419 2.61 -12.60 -28.79
CA CYS A 419 1.64 -11.57 -29.16
C CYS A 419 1.80 -11.06 -30.58
N SER A 420 2.92 -11.42 -31.21
CA SER A 420 3.13 -11.17 -32.64
C SER A 420 2.53 -12.28 -33.48
N LYS A 421 2.17 -13.40 -32.85
CA LYS A 421 1.63 -14.55 -33.57
C LYS A 421 0.15 -14.77 -33.32
N VAL A 422 -0.30 -14.47 -32.11
CA VAL A 422 -1.72 -14.54 -31.77
C VAL A 422 -2.20 -13.21 -31.21
N ASP A 423 -3.52 -13.04 -31.13
CA ASP A 423 -4.11 -11.80 -30.63
C ASP A 423 -4.18 -11.79 -29.12
N CYS A 424 -3.37 -10.94 -28.49
CA CYS A 424 -3.29 -10.93 -27.03
C CYS A 424 -4.29 -9.98 -26.39
N SER A 425 -5.28 -9.50 -27.13
CA SER A 425 -6.24 -8.54 -26.54
C SER A 425 -6.87 -9.03 -25.25
N ASP A 426 -7.10 -10.33 -25.17
CA ASP A 426 -7.81 -10.89 -24.02
C ASP A 426 -7.00 -10.90 -22.73
N ILE A 427 -5.72 -10.52 -22.81
CA ILE A 427 -4.92 -10.36 -21.59
C ILE A 427 -4.37 -8.97 -21.37
N LEU A 428 -4.71 -8.05 -22.26
CA LEU A 428 -4.28 -6.66 -22.13
C LEU A 428 -5.13 -5.90 -21.16
N ALA A 429 -4.51 -4.98 -20.42
CA ALA A 429 -5.23 -4.12 -19.46
C ALA A 429 -4.78 -2.68 -19.69
N ASN A 430 -5.74 -1.81 -20.03
CA ASN A 430 -5.40 -0.45 -20.40
C ASN A 430 -6.09 0.55 -19.47
N GLY A 431 -5.33 1.10 -18.53
CA GLY A 431 -5.89 2.02 -17.53
C GLY A 431 -6.19 3.40 -18.09
N LYS A 432 -5.66 3.66 -19.30
CA LYS A 432 -5.87 4.90 -20.00
C LYS A 432 -7.30 4.94 -20.67
N THR A 433 -7.64 3.85 -21.36
CA THR A 433 -8.88 3.76 -22.10
C THR A 433 -9.98 3.05 -21.33
N GLY A 434 -9.63 2.46 -20.18
CA GLY A 434 -10.56 1.64 -19.40
C GLY A 434 -11.01 0.39 -20.16
N GLU A 435 -10.10 -0.24 -20.90
CA GLU A 435 -10.42 -1.48 -21.62
C GLU A 435 -9.56 -2.57 -21.07
N TYR A 436 -10.21 -3.62 -20.56
CA TYR A 436 -9.52 -4.69 -19.84
C TYR A 436 -9.92 -6.01 -20.45
N GLY A 437 -8.94 -6.79 -20.92
CA GLY A 437 -9.27 -8.06 -21.57
C GLY A 437 -9.86 -9.08 -20.60
N GLU A 438 -10.59 -10.05 -21.14
CA GLU A 438 -11.32 -11.02 -20.34
C GLU A 438 -10.43 -11.78 -19.35
N PHE A 439 -9.19 -12.06 -19.74
CA PHE A 439 -8.29 -12.79 -18.84
C PHE A 439 -7.15 -11.93 -18.34
N SER A 440 -7.35 -10.62 -18.35
CA SER A 440 -6.30 -9.70 -17.94
C SER A 440 -6.09 -9.74 -16.43
N ASP A 441 -7.02 -10.36 -15.70
CA ASP A 441 -6.91 -10.49 -14.23
C ASP A 441 -6.20 -11.78 -13.80
N CYS A 442 -5.83 -12.63 -14.76
CA CYS A 442 -5.15 -13.87 -14.40
C CYS A 442 -3.65 -13.59 -14.17
N SER A 443 -2.94 -14.59 -13.64
CA SER A 443 -1.53 -14.38 -13.29
C SER A 443 -0.74 -14.26 -14.60
N VAL A 444 0.47 -13.72 -14.51
CA VAL A 444 1.32 -13.57 -15.70
CA VAL A 444 1.29 -13.55 -15.70
C VAL A 444 1.53 -14.90 -16.41
N GLU A 445 1.76 -15.98 -15.64
CA GLU A 445 1.95 -17.29 -16.23
C GLU A 445 0.70 -17.86 -16.89
N GLN A 446 -0.46 -17.63 -16.27
CA GLN A 446 -1.74 -18.05 -16.87
C GLN A 446 -1.97 -17.30 -18.20
N LYS A 447 -1.63 -16.02 -18.21
CA LYS A 447 -1.84 -15.20 -19.41
C LYS A 447 -0.94 -15.68 -20.55
N LEU A 448 0.32 -15.95 -20.20
CA LEU A 448 1.24 -16.52 -21.18
C LEU A 448 0.76 -17.90 -21.68
N SER A 449 0.37 -18.79 -20.76
CA SER A 449 -0.11 -20.12 -21.12
C SER A 449 -1.32 -20.04 -22.06
N LEU A 450 -2.23 -19.11 -21.80
CA LEU A 450 -3.37 -18.93 -22.70
C LEU A 450 -2.91 -18.66 -24.14
N GLN A 451 -1.95 -17.75 -24.29
CA GLN A 451 -1.47 -17.41 -25.63
C GLN A 451 -0.70 -18.56 -26.27
N LEU A 452 0.14 -19.23 -25.47
CA LEU A 452 0.82 -20.44 -25.92
C LEU A 452 -0.17 -21.49 -26.44
N SER A 453 -1.23 -21.76 -25.68
CA SER A 453 -2.24 -22.72 -26.09
C SER A 453 -3.04 -22.30 -27.34
N LYS A 454 -3.32 -21.01 -27.47
CA LYS A 454 -3.99 -20.53 -28.70
C LYS A 454 -3.10 -20.79 -29.92
N LEU A 455 -1.80 -20.49 -29.80
CA LEU A 455 -0.85 -20.80 -30.87
C LEU A 455 -0.80 -22.30 -31.21
N TYR A 456 -0.81 -23.15 -30.18
CA TYR A 456 -0.86 -24.60 -30.34
C TYR A 456 -2.09 -25.05 -31.14
N CYS A 457 -3.26 -24.53 -30.77
CA CYS A 457 -4.52 -24.88 -31.42
C CYS A 457 -4.61 -24.33 -32.85
N LYS A 458 -4.02 -23.15 -33.07
CA LYS A 458 -3.99 -22.51 -34.36
C LYS A 458 -3.14 -23.34 -35.34
N ILE A 459 -1.99 -23.80 -34.87
CA ILE A 459 -1.15 -24.73 -35.63
C ILE A 459 -1.90 -26.03 -35.92
N GLY A 460 -2.45 -26.64 -34.87
CA GLY A 460 -3.34 -27.79 -35.02
C GLY A 460 -2.64 -29.09 -35.35
N ALA A 461 -1.37 -29.20 -34.95
CA ALA A 461 -0.61 -30.44 -35.14
C ALA A 461 -1.14 -31.53 -34.21
N ASN A 462 -1.62 -31.12 -33.04
CA ASN A 462 -2.22 -32.03 -32.05
C ASN A 462 -1.25 -33.16 -31.70
N ASP A 463 0.02 -32.77 -31.49
CA ASP A 463 1.11 -33.73 -31.31
C ASP A 463 1.81 -33.52 -29.97
N ARG A 464 1.16 -32.76 -29.09
CA ARG A 464 1.65 -32.47 -27.73
C ARG A 464 2.96 -31.68 -27.69
N HIS A 465 3.37 -31.14 -28.83
CA HIS A 465 4.53 -30.26 -28.88
C HIS A 465 4.07 -28.81 -28.76
N CYS A 466 4.23 -28.26 -27.56
CA CYS A 466 3.87 -26.89 -27.32
C CYS A 466 4.81 -25.99 -28.11
N PRO A 467 4.26 -24.99 -28.81
CA PRO A 467 5.06 -24.25 -29.78
C PRO A 467 5.95 -23.20 -29.14
N LEU A 468 6.71 -23.62 -28.14
CA LEU A 468 7.75 -22.81 -27.52
C LEU A 468 8.74 -23.75 -26.85
N ASN A 469 9.92 -23.89 -27.46
CA ASN A 469 10.99 -24.69 -26.89
C ASN A 469 11.63 -23.97 -25.68
N ASP A 470 11.25 -24.37 -24.48
CA ASP A 470 11.70 -23.74 -23.24
C ASP A 470 11.40 -24.66 -22.06
N LYS A 471 12.32 -24.72 -21.10
CA LYS A 471 12.23 -25.67 -19.98
C LYS A 471 10.97 -25.45 -19.13
N ASN A 472 10.53 -24.20 -19.02
CA ASN A 472 9.35 -23.86 -18.23
C ASN A 472 8.02 -24.18 -18.94
N VAL A 473 8.09 -24.49 -20.23
CA VAL A 473 6.92 -24.87 -21.00
C VAL A 473 6.68 -26.37 -20.85
N TYR A 474 5.41 -26.76 -20.67
CA TYR A 474 5.04 -28.18 -20.71
C TYR A 474 3.67 -28.39 -21.28
N PHE A 475 3.44 -29.58 -21.82
CA PHE A 475 2.13 -30.00 -22.24
C PHE A 475 1.33 -30.54 -21.05
N ASN A 476 0.21 -29.91 -20.78
CA ASN A 476 -0.65 -30.26 -19.67
C ASN A 476 -1.47 -31.51 -20.01
N LEU A 477 -1.17 -32.62 -19.32
CA LEU A 477 -1.86 -33.89 -19.56
C LEU A 477 -3.31 -33.86 -19.10
N GLU A 478 -3.59 -33.15 -18.02
CA GLU A 478 -4.97 -32.89 -17.58
C GLU A 478 -5.85 -32.24 -18.66
N SER A 479 -5.24 -31.53 -19.61
CA SER A 479 -6.01 -30.96 -20.73
C SER A 479 -6.69 -32.03 -21.59
N LEU A 480 -6.21 -33.27 -21.49
CA LEU A 480 -6.78 -34.38 -22.25
C LEU A 480 -7.99 -34.99 -21.55
N GLN A 481 -8.15 -34.70 -20.26
CA GLN A 481 -9.27 -35.23 -19.48
C GLN A 481 -10.56 -34.47 -19.82
N PRO A 482 -11.64 -35.20 -20.17
CA PRO A 482 -12.85 -34.55 -20.68
C PRO A 482 -13.83 -34.15 -19.56
N CYS A 489 -15.86 -23.43 -16.39
CA CYS A 489 -14.77 -24.06 -17.15
C CYS A 489 -15.17 -24.43 -18.58
#